data_8UYP
#
_entry.id   8UYP
#
_entity_poly.entity_id   1
_entity_poly.type   'polyribonucleotide'
_entity_poly.pdbx_seq_one_letter_code
;GGUUGACAAGAAACGAGUAACUCGUCCCUCUUCUGCAGACUGCUUACGGUUUCGUCCGUGUUGCAGUCGAUCAUCAGCAU
ACCUAGGUUUCGUCCGGGUGUGACCGAAAGGUAAGAUGGAGAGCCUUGUUCUUGGUGUCAACC
;
_entity_poly.pdbx_strand_id   A
#